data_5HN6
#
_entry.id   5HN6
#
_cell.length_a   80.161
_cell.length_b   80.161
_cell.length_c   142.890
_cell.angle_alpha   90.00
_cell.angle_beta   90.00
_cell.angle_gamma   90.00
#
_symmetry.space_group_name_H-M   'P 43 2 2'
#
loop_
_entity.id
_entity.type
_entity.pdbx_description
1 polymer 'Homoisocitrate dehydrogenase'
2 non-polymer '3-ISOPROPYLMALIC ACID'
3 non-polymer 'MANGANESE (II) ION'
4 non-polymer (4S)-2-METHYL-2,4-PENTANEDIOL
5 water water
#
_entity_poly.entity_id   1
_entity_poly.type   'polypeptide(L)'
_entity_poly.pdbx_seq_one_letter_code
;MYRVAVIPGDGIGPEVIDGAVRVLKAVTGRVRFEYYEGGVDVFQECGSPIREEDLEEIRRSDAVLFGATTTPFDLPGYRS
LILTLRKELGLYANLRIIPDLRTGREIVIVRENSEGLYFGIGAVVNGRAVDVRLITREGAERIARFAVEQAKARGSFITF
VHKANVLTGDKFFRRIVREVAGEEGVEVRDAIIDSFTIKLVRNPWEHGVILSENLFGDILSDLATVHAGSIGIVPSGNYG
DGIALFEPVHGSAPDIAGKGIANPIGAILSGAMLLDYLGLDGSLIRAAVRGYVVNGELTPDMGGRARTEDVVRGIIGEIE
DLLSMDEVWRDEIRLSRLESDISRMAGHHHHHH
;
_entity_poly.pdbx_strand_id   A
#
loop_
_chem_comp.id
_chem_comp.type
_chem_comp.name
_chem_comp.formula
IPM non-polymer '3-ISOPROPYLMALIC ACID' 'C7 H12 O5'
MN non-polymer 'MANGANESE (II) ION' 'Mn 2'
MPD non-polymer (4S)-2-METHYL-2,4-PENTANEDIOL 'C6 H14 O2'
#
# COMPACT_ATOMS: atom_id res chain seq x y z
N MET A 1 -9.17 16.82 -16.99
CA MET A 1 -8.38 16.64 -15.76
C MET A 1 -8.85 15.39 -15.04
N TYR A 2 -7.92 14.79 -14.31
CA TYR A 2 -8.20 13.61 -13.49
C TYR A 2 -8.54 14.07 -12.12
N ARG A 3 -9.44 13.34 -11.49
CA ARG A 3 -9.99 13.78 -10.23
C ARG A 3 -9.53 12.85 -9.10
N VAL A 4 -8.78 13.43 -8.15
CA VAL A 4 -8.14 12.67 -7.09
C VAL A 4 -8.50 13.18 -5.71
N ALA A 5 -9.05 12.29 -4.89
CA ALA A 5 -9.45 12.63 -3.54
C ALA A 5 -8.24 12.44 -2.64
N VAL A 6 -8.03 13.38 -1.74
CA VAL A 6 -6.86 13.34 -0.87
C VAL A 6 -7.26 13.34 0.58
N ILE A 7 -6.70 12.40 1.35
CA ILE A 7 -7.05 12.22 2.76
C ILE A 7 -5.79 12.16 3.62
N PRO A 8 -5.31 13.32 4.03
CA PRO A 8 -4.06 13.41 4.75
C PRO A 8 -4.12 12.64 6.04
N GLY A 9 -5.27 12.72 6.70
CA GLY A 9 -5.42 12.09 7.99
C GLY A 9 -4.77 12.88 9.08
N ASP A 10 -3.98 12.22 9.93
CA ASP A 10 -3.47 12.90 11.12
C ASP A 10 -2.09 12.43 11.47
N GLY A 11 -1.56 12.88 12.59
CA GLY A 11 -0.15 12.65 12.89
C GLY A 11 0.69 13.18 11.75
N ILE A 12 1.69 12.42 11.36
CA ILE A 12 2.53 12.77 10.23
C ILE A 12 1.86 12.64 8.85
N GLY A 13 0.59 12.23 8.80
CA GLY A 13 -0.12 12.06 7.53
C GLY A 13 -0.13 13.31 6.68
N PRO A 14 -0.54 14.45 7.25
CA PRO A 14 -0.50 15.69 6.49
C PRO A 14 0.88 16.06 5.97
N GLU A 15 1.91 15.88 6.78
CA GLU A 15 3.30 16.18 6.39
C GLU A 15 3.79 15.44 5.13
N VAL A 16 3.65 14.13 5.13
CA VAL A 16 4.14 13.30 4.03
C VAL A 16 3.27 13.39 2.81
N ILE A 17 2.02 13.79 3.01
CA ILE A 17 1.09 13.99 1.90
C ILE A 17 1.33 15.35 1.26
N ASP A 18 1.64 16.35 2.07
CA ASP A 18 2.10 17.60 1.48
C ASP A 18 3.22 17.32 0.51
N GLY A 19 4.23 16.59 0.96
CA GLY A 19 5.33 16.15 0.09
C GLY A 19 4.94 15.41 -1.18
N ALA A 20 4.05 14.43 -1.06
CA ALA A 20 3.65 13.59 -2.21
C ALA A 20 2.81 14.33 -3.24
N VAL A 21 2.11 15.38 -2.81
CA VAL A 21 1.22 16.10 -3.68
C VAL A 21 2.05 17.10 -4.46
N ARG A 22 2.96 17.77 -3.76
CA ARG A 22 3.91 18.68 -4.42
C ARG A 22 4.71 17.96 -5.49
N VAL A 23 5.22 16.78 -5.16
CA VAL A 23 5.89 15.96 -6.16
C VAL A 23 4.97 15.62 -7.33
N LEU A 24 3.73 15.26 -7.05
CA LEU A 24 2.79 15.03 -8.13
C LEU A 24 2.51 16.34 -8.94
N LYS A 25 2.46 17.48 -8.26
CA LYS A 25 2.17 18.74 -8.91
C LYS A 25 3.34 19.16 -9.80
N ALA A 26 4.48 18.50 -9.62
CA ALA A 26 5.66 18.82 -10.35
C ALA A 26 5.87 17.89 -11.53
N VAL A 27 5.20 16.75 -11.61
CA VAL A 27 5.32 15.90 -12.82
C VAL A 27 4.12 16.01 -13.74
N THR A 28 3.01 16.52 -13.20
CA THR A 28 1.81 16.70 -14.02
C THR A 28 0.88 17.76 -13.48
N GLY A 29 0.16 18.40 -14.40
CA GLY A 29 -0.86 19.42 -14.08
C GLY A 29 -2.23 18.95 -14.54
N ARG A 30 -2.28 17.70 -15.00
CA ARG A 30 -3.52 17.04 -15.39
C ARG A 30 -4.32 16.40 -14.24
N VAL A 31 -4.06 16.78 -12.99
CA VAL A 31 -4.73 16.15 -11.85
C VAL A 31 -5.27 17.21 -10.94
N ARG A 32 -6.57 17.18 -10.67
CA ARG A 32 -7.13 18.07 -9.65
C ARG A 32 -7.25 17.40 -8.25
N PHE A 33 -6.81 18.11 -7.21
CA PHE A 33 -6.81 17.59 -5.85
C PHE A 33 -7.95 18.13 -4.98
N GLU A 34 -8.77 17.22 -4.45
CA GLU A 34 -9.83 17.54 -3.51
C GLU A 34 -9.55 16.93 -2.13
N TYR A 35 -9.55 17.77 -1.12
CA TYR A 35 -9.17 17.37 0.22
C TYR A 35 -10.39 17.08 1.12
N TYR A 36 -10.32 15.97 1.88
CA TYR A 36 -11.37 15.58 2.79
C TYR A 36 -10.74 15.28 4.13
N GLU A 37 -11.46 15.55 5.21
CA GLU A 37 -10.98 15.19 6.53
C GLU A 37 -11.43 13.76 6.82
N GLY A 38 -10.76 13.14 7.78
CA GLY A 38 -11.13 11.80 8.19
C GLY A 38 -10.34 11.36 9.38
N GLY A 39 -10.95 10.52 10.22
CA GLY A 39 -10.29 10.00 11.45
C GLY A 39 -11.14 10.32 12.68
N VAL A 40 -10.52 10.36 13.86
CA VAL A 40 -11.30 10.45 15.10
C VAL A 40 -12.13 11.75 15.17
N ASP A 41 -11.51 12.89 14.90
CA ASP A 41 -12.21 14.16 14.87
C ASP A 41 -13.54 14.05 14.13
N VAL A 42 -13.52 13.42 12.97
CA VAL A 42 -14.77 13.28 12.21
C VAL A 42 -15.72 12.29 12.89
N PHE A 43 -15.19 11.26 13.53
CA PHE A 43 -16.02 10.32 14.29
C PHE A 43 -16.80 11.04 15.39
N GLN A 44 -16.13 11.95 16.08
CA GLN A 44 -16.69 12.59 17.23
C GLN A 44 -17.77 13.59 16.88
N GLU A 45 -17.60 14.27 15.75
CA GLU A 45 -18.72 15.02 15.18
C GLU A 45 -19.86 14.12 14.76
N CYS A 46 -19.59 13.14 13.89
CA CYS A 46 -20.63 12.50 13.08
C CYS A 46 -20.93 11.02 13.43
N GLY A 47 -20.15 10.42 14.30
CA GLY A 47 -20.26 8.96 14.55
C GLY A 47 -19.64 8.04 13.49
N SER A 48 -19.02 8.61 12.46
CA SER A 48 -18.27 7.87 11.44
C SER A 48 -16.88 8.51 11.22
N PRO A 49 -15.87 7.71 10.84
CA PRO A 49 -14.54 8.31 10.56
C PRO A 49 -14.48 9.07 9.22
N ILE A 50 -15.48 8.88 8.37
CA ILE A 50 -15.67 9.65 7.15
C ILE A 50 -17.16 10.05 6.95
N ARG A 51 -17.42 11.30 6.52
CA ARG A 51 -18.83 11.77 6.31
C ARG A 51 -19.43 11.12 5.11
N GLU A 52 -20.73 10.84 5.20
CA GLU A 52 -21.44 10.06 4.18
C GLU A 52 -21.30 10.74 2.85
N GLU A 53 -21.46 12.05 2.86
CA GLU A 53 -21.48 12.87 1.66
C GLU A 53 -20.09 12.96 1.03
N ASP A 54 -19.06 13.15 1.86
CA ASP A 54 -17.66 13.05 1.42
C ASP A 54 -17.33 11.69 0.81
N LEU A 55 -17.71 10.62 1.50
CA LEU A 55 -17.57 9.28 0.93
C LEU A 55 -18.20 9.16 -0.49
N GLU A 56 -19.27 9.91 -0.73
CA GLU A 56 -19.97 9.88 -2.02
C GLU A 56 -19.12 10.55 -3.07
N GLU A 57 -18.41 11.61 -2.72
CA GLU A 57 -17.50 12.23 -3.66
C GLU A 57 -16.36 11.28 -3.98
N ILE A 58 -15.73 10.82 -2.91
CA ILE A 58 -14.56 10.01 -2.95
C ILE A 58 -14.81 8.81 -3.82
N ARG A 59 -15.98 8.16 -3.72
CA ARG A 59 -16.20 6.94 -4.52
C ARG A 59 -16.37 7.21 -6.00
N ARG A 60 -16.50 8.47 -6.35
CA ARG A 60 -16.66 8.88 -7.75
C ARG A 60 -15.43 9.58 -8.32
N SER A 61 -14.40 9.76 -7.48
CA SER A 61 -13.14 10.32 -7.90
C SER A 61 -12.37 9.28 -8.71
N ASP A 62 -11.32 9.70 -9.41
CA ASP A 62 -10.67 8.75 -10.31
C ASP A 62 -9.72 7.85 -9.53
N ALA A 63 -9.22 8.39 -8.40
CA ALA A 63 -8.33 7.67 -7.53
C ALA A 63 -8.24 8.39 -6.22
N VAL A 64 -7.72 7.71 -5.19
CA VAL A 64 -7.62 8.27 -3.83
C VAL A 64 -6.20 8.28 -3.32
N LEU A 65 -5.80 9.35 -2.63
CA LEU A 65 -4.48 9.44 -2.06
C LEU A 65 -4.65 9.65 -0.59
N PHE A 66 -4.05 8.77 0.19
CA PHE A 66 -4.36 8.65 1.60
C PHE A 66 -3.05 8.65 2.35
N GLY A 67 -3.01 9.42 3.42
CA GLY A 67 -1.83 9.49 4.25
C GLY A 67 -1.80 8.41 5.33
N ALA A 68 -2.10 8.81 6.56
CA ALA A 68 -2.16 7.88 7.63
C ALA A 68 -3.15 8.41 8.66
N THR A 69 -3.55 7.53 9.57
CA THR A 69 -4.66 7.79 10.45
C THR A 69 -4.38 7.12 11.75
N THR A 70 -4.55 7.87 12.83
CA THR A 70 -4.37 7.28 14.14
C THR A 70 -5.66 6.54 14.52
N THR A 71 -5.54 5.28 14.91
CA THR A 71 -6.70 4.54 15.40
C THR A 71 -6.52 4.10 16.84
N PRO A 72 -7.02 4.93 17.77
CA PRO A 72 -6.70 4.71 19.16
C PRO A 72 -7.37 3.44 19.60
N PHE A 73 -6.65 2.64 20.35
CA PHE A 73 -7.14 1.34 20.75
C PHE A 73 -8.30 1.44 21.75
N ASP A 74 -8.27 2.52 22.54
CA ASP A 74 -9.15 2.71 23.68
C ASP A 74 -10.28 3.70 23.39
N LEU A 75 -10.85 3.63 22.20
CA LEU A 75 -11.95 4.50 21.83
C LEU A 75 -13.09 3.64 21.34
N PRO A 76 -14.07 3.42 22.19
CA PRO A 76 -15.09 2.46 21.77
C PRO A 76 -15.97 2.93 20.61
N GLY A 77 -16.40 1.99 19.80
CA GLY A 77 -17.25 2.25 18.64
C GLY A 77 -16.52 2.56 17.33
N TYR A 78 -15.21 2.73 17.38
CA TYR A 78 -14.50 3.35 16.26
C TYR A 78 -14.00 2.34 15.26
N ARG A 79 -14.49 2.45 14.03
CA ARG A 79 -13.93 1.70 12.90
C ARG A 79 -12.72 2.47 12.29
N SER A 80 -11.58 1.78 12.12
CA SER A 80 -10.43 2.30 11.33
C SER A 80 -10.86 2.94 9.99
N LEU A 81 -10.44 4.17 9.73
CA LEU A 81 -10.75 4.82 8.45
C LEU A 81 -10.34 3.97 7.25
N ILE A 82 -9.10 3.50 7.27
CA ILE A 82 -8.62 2.76 6.12
C ILE A 82 -9.37 1.47 5.87
N LEU A 83 -9.75 0.76 6.93
CA LEU A 83 -10.59 -0.47 6.72
C LEU A 83 -11.95 -0.10 6.14
N THR A 84 -12.53 0.96 6.65
CA THR A 84 -13.79 1.47 6.09
C THR A 84 -13.63 1.73 4.59
N LEU A 85 -12.65 2.56 4.22
CA LEU A 85 -12.45 2.89 2.78
C LEU A 85 -12.21 1.66 1.95
N ARG A 86 -11.35 0.76 2.43
CA ARG A 86 -11.11 -0.52 1.73
C ARG A 86 -12.38 -1.24 1.39
N LYS A 87 -13.25 -1.33 2.37
CA LYS A 87 -14.50 -2.03 2.20
C LYS A 87 -15.46 -1.18 1.32
N GLU A 88 -15.60 0.12 1.62
CA GLU A 88 -16.57 0.94 0.88
C GLU A 88 -16.26 1.06 -0.60
N LEU A 89 -14.97 1.06 -0.95
CA LEU A 89 -14.58 1.25 -2.36
C LEU A 89 -14.27 -0.07 -3.08
N GLY A 90 -14.58 -1.20 -2.46
CA GLY A 90 -14.37 -2.49 -3.13
C GLY A 90 -12.91 -2.80 -3.51
N LEU A 91 -11.99 -2.33 -2.66
CA LEU A 91 -10.56 -2.46 -2.90
C LEU A 91 -10.06 -3.82 -2.45
N TYR A 92 -10.01 -4.78 -3.35
CA TYR A 92 -9.67 -6.15 -2.96
C TYR A 92 -8.20 -6.58 -3.12
N ALA A 93 -7.35 -5.72 -3.69
CA ALA A 93 -5.95 -6.06 -3.93
C ALA A 93 -5.05 -5.03 -3.31
N ASN A 94 -4.17 -5.49 -2.41
CA ASN A 94 -3.22 -4.62 -1.78
C ASN A 94 -1.84 -5.04 -2.27
N LEU A 95 -1.18 -4.13 -2.98
CA LEU A 95 0.11 -4.37 -3.63
C LEU A 95 1.12 -3.54 -2.88
N ARG A 96 2.09 -4.20 -2.29
CA ARG A 96 3.14 -3.55 -1.55
C ARG A 96 4.46 -3.99 -2.17
N ILE A 97 5.28 -2.99 -2.49
CA ILE A 97 6.52 -3.16 -3.23
C ILE A 97 7.60 -2.62 -2.34
N ILE A 98 8.46 -3.49 -1.80
CA ILE A 98 9.52 -3.03 -0.88
C ILE A 98 10.84 -2.91 -1.64
N PRO A 99 11.35 -1.68 -1.84
CA PRO A 99 12.56 -1.54 -2.67
C PRO A 99 13.84 -1.48 -1.86
N ASP A 100 14.88 -2.15 -2.34
CA ASP A 100 16.24 -1.81 -1.87
C ASP A 100 16.63 -0.67 -2.76
N LEU A 101 16.82 0.51 -2.17
CA LEU A 101 17.06 1.73 -2.94
C LEU A 101 18.57 1.98 -3.07
N ARG A 102 19.32 0.93 -3.39
CA ARG A 102 20.62 1.10 -4.03
C ARG A 102 20.54 0.28 -5.31
N THR A 103 20.26 -1.00 -5.14
CA THR A 103 20.10 -1.92 -6.24
C THR A 103 18.74 -1.62 -6.88
N GLY A 104 18.42 -2.28 -7.98
CA GLY A 104 17.06 -2.15 -8.52
C GLY A 104 16.03 -3.05 -7.86
N ARG A 105 16.43 -3.81 -6.82
CA ARG A 105 15.66 -4.96 -6.43
C ARG A 105 14.43 -4.65 -5.57
N GLU A 106 13.42 -5.49 -5.76
CA GLU A 106 12.14 -5.29 -5.15
C GLU A 106 11.62 -6.53 -4.47
N ILE A 107 10.92 -6.38 -3.35
CA ILE A 107 10.01 -7.44 -2.87
C ILE A 107 8.58 -7.02 -3.21
N VAL A 108 7.87 -7.92 -3.88
CA VAL A 108 6.58 -7.64 -4.45
C VAL A 108 5.54 -8.50 -3.76
N ILE A 109 4.63 -7.85 -3.01
CA ILE A 109 3.61 -8.56 -2.26
C ILE A 109 2.21 -8.17 -2.71
N VAL A 110 1.42 -9.19 -2.99
CA VAL A 110 0.01 -9.08 -3.28
C VAL A 110 -0.70 -9.64 -2.09
N ARG A 111 -1.26 -8.73 -1.29
CA ARG A 111 -2.03 -9.06 -0.11
C ARG A 111 -3.49 -9.00 -0.48
N GLU A 112 -4.20 -10.12 -0.41
CA GLU A 112 -5.65 -10.05 -0.54
C GLU A 112 -6.27 -9.09 0.52
N ASN A 113 -7.21 -8.24 0.09
CA ASN A 113 -7.54 -7.05 0.86
C ASN A 113 -9.00 -6.89 1.24
N SER A 114 -9.86 -7.84 0.87
CA SER A 114 -11.30 -7.82 1.17
C SER A 114 -11.82 -8.90 2.12
N GLU A 115 -11.15 -10.05 2.20
CA GLU A 115 -11.68 -11.13 3.03
C GLU A 115 -10.61 -11.61 4.03
N GLY A 116 -10.53 -12.93 4.23
CA GLY A 116 -9.68 -13.52 5.22
C GLY A 116 -10.19 -13.21 6.60
N LEU A 117 -9.26 -12.97 7.51
CA LEU A 117 -9.63 -12.65 8.87
C LEU A 117 -10.09 -11.19 9.00
N TYR A 118 -10.06 -10.44 7.90
CA TYR A 118 -10.61 -9.08 7.83
C TYR A 118 -12.07 -9.07 7.35
N PHE A 119 -12.67 -10.21 7.05
CA PHE A 119 -14.00 -10.13 6.47
C PHE A 119 -15.04 -9.52 7.43
N GLY A 120 -14.84 -9.63 8.73
CA GLY A 120 -15.67 -8.94 9.70
C GLY A 120 -16.66 -9.76 10.52
N ILE A 121 -16.61 -11.08 10.40
CA ILE A 121 -17.44 -11.92 11.18
C ILE A 121 -16.74 -12.27 12.46
N GLY A 122 -17.18 -11.68 13.57
CA GLY A 122 -16.60 -11.98 14.88
C GLY A 122 -17.61 -11.77 15.98
N ALA A 123 -17.40 -12.46 17.11
CA ALA A 123 -18.35 -12.40 18.24
C ALA A 123 -17.76 -12.97 19.49
N VAL A 124 -18.27 -12.49 20.62
CA VAL A 124 -17.97 -13.07 21.93
C VAL A 124 -19.27 -13.41 22.60
N VAL A 125 -19.36 -14.60 23.18
CA VAL A 125 -20.56 -15.06 23.87
C VAL A 125 -20.11 -16.06 24.89
N ASN A 126 -20.34 -15.75 26.15
CA ASN A 126 -20.11 -16.70 27.24
C ASN A 126 -18.70 -17.21 27.33
N GLY A 127 -17.74 -16.29 27.32
CA GLY A 127 -16.34 -16.63 27.38
C GLY A 127 -15.87 -17.43 26.17
N ARG A 128 -16.49 -17.20 25.02
CA ARG A 128 -16.01 -17.80 23.80
C ARG A 128 -16.07 -16.75 22.70
N ALA A 129 -14.88 -16.36 22.20
CA ALA A 129 -14.77 -15.35 21.15
C ALA A 129 -14.24 -15.98 19.90
N VAL A 130 -14.80 -15.60 18.77
CA VAL A 130 -14.36 -16.11 17.51
C VAL A 130 -14.17 -15.03 16.47
N ASP A 131 -13.34 -15.33 15.48
CA ASP A 131 -13.23 -14.53 14.27
C ASP A 131 -13.20 -15.56 13.18
N VAL A 132 -13.83 -15.25 12.07
CA VAL A 132 -14.01 -16.22 10.99
C VAL A 132 -13.19 -15.83 9.80
N ARG A 133 -12.26 -16.70 9.43
CA ARG A 133 -11.35 -16.48 8.32
C ARG A 133 -12.06 -17.01 7.08
N LEU A 134 -12.53 -16.12 6.22
CA LEU A 134 -13.35 -16.50 5.10
C LEU A 134 -12.60 -16.34 3.82
N ILE A 135 -12.54 -17.42 3.04
CA ILE A 135 -12.05 -17.39 1.68
C ILE A 135 -13.22 -17.79 0.76
N THR A 136 -13.45 -17.00 -0.29
CA THR A 136 -14.55 -17.19 -1.26
C THR A 136 -13.93 -17.48 -2.63
N ARG A 137 -14.61 -18.27 -3.47
CA ARG A 137 -14.10 -18.56 -4.82
C ARG A 137 -13.80 -17.28 -5.55
N GLU A 138 -14.72 -16.34 -5.46
CA GLU A 138 -14.62 -15.05 -6.15
C GLU A 138 -13.44 -14.23 -5.58
N GLY A 139 -13.25 -14.28 -4.26
CA GLY A 139 -12.14 -13.60 -3.64
C GLY A 139 -10.79 -14.18 -4.05
N ALA A 140 -10.69 -15.50 -3.96
CA ALA A 140 -9.51 -16.23 -4.43
C ALA A 140 -9.17 -15.93 -5.89
N GLU A 141 -10.17 -16.07 -6.77
CA GLU A 141 -9.95 -15.91 -8.21
C GLU A 141 -9.39 -14.57 -8.57
N ARG A 142 -10.01 -13.53 -8.04
CA ARG A 142 -9.68 -12.20 -8.53
C ARG A 142 -8.35 -11.70 -7.98
N ILE A 143 -8.02 -12.10 -6.74
CA ILE A 143 -6.65 -11.81 -6.26
C ILE A 143 -5.65 -12.73 -6.96
N ALA A 144 -6.04 -13.97 -7.28
CA ALA A 144 -5.14 -14.81 -8.10
C ALA A 144 -4.87 -14.18 -9.47
N ARG A 145 -5.92 -13.74 -10.13
CA ARG A 145 -5.73 -13.08 -11.45
C ARG A 145 -4.91 -11.84 -11.33
N PHE A 146 -5.12 -11.07 -10.27
CA PHE A 146 -4.34 -9.83 -10.08
C PHE A 146 -2.89 -10.19 -9.94
N ALA A 147 -2.65 -11.27 -9.20
CA ALA A 147 -1.28 -11.67 -8.98
C ALA A 147 -0.63 -12.21 -10.27
N VAL A 148 -1.38 -12.93 -11.12
CA VAL A 148 -0.74 -13.44 -12.36
C VAL A 148 -0.34 -12.30 -13.29
N GLU A 149 -1.13 -11.23 -13.30
CA GLU A 149 -0.79 -10.07 -14.11
C GLU A 149 0.44 -9.37 -13.60
N GLN A 150 0.74 -9.48 -12.31
CA GLN A 150 1.98 -8.86 -11.81
C GLN A 150 3.19 -9.75 -12.10
N ALA A 151 2.92 -11.04 -12.14
CA ALA A 151 3.91 -12.02 -12.55
C ALA A 151 4.27 -11.83 -14.03
N LYS A 152 3.28 -11.95 -14.92
CA LYS A 152 3.48 -11.73 -16.34
C LYS A 152 4.18 -10.43 -16.62
N ALA A 153 3.61 -9.35 -16.14
CA ALA A 153 4.23 -8.04 -16.37
C ALA A 153 5.72 -8.03 -16.00
N ARG A 154 6.14 -8.95 -15.13
CA ARG A 154 7.54 -9.03 -14.73
C ARG A 154 8.29 -10.24 -15.28
N GLY A 155 7.60 -11.09 -16.04
CA GLY A 155 8.17 -12.35 -16.49
C GLY A 155 8.63 -13.21 -15.33
N SER A 156 7.72 -13.41 -14.36
CA SER A 156 8.12 -13.97 -13.07
C SER A 156 7.16 -15.05 -12.67
N PHE A 157 7.05 -15.32 -11.38
CA PHE A 157 6.22 -16.40 -10.89
C PHE A 157 5.53 -15.94 -9.59
N ILE A 158 4.63 -16.80 -9.11
CA ILE A 158 4.00 -16.57 -7.85
C ILE A 158 4.54 -17.50 -6.77
N THR A 159 4.87 -16.92 -5.61
CA THR A 159 5.02 -17.66 -4.35
C THR A 159 3.73 -17.51 -3.51
N PHE A 160 2.91 -18.57 -3.45
CA PHE A 160 1.71 -18.57 -2.65
C PHE A 160 2.01 -19.02 -1.21
N VAL A 161 1.89 -18.08 -0.26
CA VAL A 161 2.22 -18.36 1.15
C VAL A 161 0.95 -18.67 1.94
N HIS A 162 0.97 -19.75 2.69
CA HIS A 162 -0.22 -20.30 3.30
C HIS A 162 0.13 -21.21 4.45
N LYS A 163 -0.91 -21.75 5.08
CA LYS A 163 -0.86 -22.75 6.13
C LYS A 163 -1.96 -23.80 5.85
N ALA A 164 -1.92 -24.36 4.67
CA ALA A 164 -2.93 -25.24 4.16
C ALA A 164 -2.84 -26.58 4.87
N ASN A 165 -1.73 -26.83 5.56
CA ASN A 165 -1.58 -27.99 6.46
C ASN A 165 -2.50 -27.92 7.69
N VAL A 166 -2.97 -26.73 8.03
CA VAL A 166 -3.83 -26.53 9.19
C VAL A 166 -5.17 -25.90 8.81
N LEU A 167 -5.18 -25.01 7.81
CA LEU A 167 -6.35 -24.16 7.52
C LEU A 167 -7.13 -24.60 6.28
N THR A 168 -8.36 -25.09 6.46
CA THR A 168 -9.21 -25.48 5.32
C THR A 168 -9.32 -24.41 4.26
N GLY A 169 -9.55 -23.18 4.67
CA GLY A 169 -9.60 -22.10 3.73
C GLY A 169 -8.33 -21.91 2.93
N ASP A 170 -7.18 -22.24 3.49
CA ASP A 170 -5.95 -22.12 2.68
C ASP A 170 -5.80 -23.26 1.68
N LYS A 171 -6.27 -24.46 2.02
CA LYS A 171 -6.40 -25.55 1.03
C LYS A 171 -7.24 -25.10 -0.17
N PHE A 172 -8.43 -24.60 0.10
CA PHE A 172 -9.33 -24.05 -0.92
C PHE A 172 -8.64 -22.97 -1.73
N PHE A 173 -8.05 -22.00 -1.03
CA PHE A 173 -7.41 -20.87 -1.67
C PHE A 173 -6.35 -21.36 -2.65
N ARG A 174 -5.66 -22.42 -2.26
CA ARG A 174 -4.52 -22.95 -3.01
C ARG A 174 -5.00 -23.55 -4.33
N ARG A 175 -6.02 -24.41 -4.28
CA ARG A 175 -6.63 -24.95 -5.49
C ARG A 175 -6.82 -23.83 -6.47
N ILE A 176 -7.49 -22.77 -6.01
CA ILE A 176 -7.94 -21.77 -6.93
C ILE A 176 -6.79 -20.97 -7.49
N VAL A 177 -5.78 -20.66 -6.70
CA VAL A 177 -4.63 -19.95 -7.25
C VAL A 177 -3.88 -20.81 -8.29
N ARG A 178 -3.82 -22.12 -8.07
CA ARG A 178 -3.13 -23.02 -8.99
C ARG A 178 -3.93 -23.15 -10.29
N GLU A 179 -5.23 -23.38 -10.17
CA GLU A 179 -6.11 -23.30 -11.31
C GLU A 179 -5.95 -22.05 -12.14
N VAL A 180 -6.01 -20.85 -11.55
CA VAL A 180 -5.97 -19.66 -12.43
C VAL A 180 -4.58 -19.47 -12.99
N ALA A 181 -3.56 -19.76 -12.21
CA ALA A 181 -2.19 -19.54 -12.69
C ALA A 181 -1.83 -20.55 -13.78
N GLY A 182 -2.34 -21.78 -13.66
CA GLY A 182 -2.16 -22.80 -14.68
C GLY A 182 -2.85 -22.37 -15.97
N GLU A 183 -4.15 -22.13 -15.87
CA GLU A 183 -4.96 -21.64 -16.98
C GLU A 183 -4.24 -20.53 -17.75
N GLU A 184 -3.26 -19.87 -17.12
CA GLU A 184 -2.61 -18.69 -17.71
C GLU A 184 -1.09 -18.87 -17.84
N GLY A 185 -0.65 -20.11 -17.71
CA GLY A 185 0.76 -20.46 -17.71
C GLY A 185 1.70 -19.68 -16.80
N VAL A 186 1.33 -19.52 -15.52
CA VAL A 186 2.27 -18.95 -14.53
C VAL A 186 2.62 -20.00 -13.46
N GLU A 187 3.93 -20.09 -13.16
CA GLU A 187 4.42 -20.99 -12.12
C GLU A 187 3.94 -20.46 -10.75
N VAL A 188 3.47 -21.40 -9.93
CA VAL A 188 3.21 -21.17 -8.50
C VAL A 188 4.06 -22.04 -7.60
N ARG A 189 4.96 -21.39 -6.86
CA ARG A 189 5.69 -22.06 -5.79
C ARG A 189 4.92 -21.97 -4.47
N ASP A 190 4.85 -23.09 -3.77
CA ASP A 190 4.36 -23.12 -2.42
C ASP A 190 5.36 -22.50 -1.46
N ALA A 191 4.85 -21.88 -0.41
CA ALA A 191 5.62 -21.49 0.77
C ALA A 191 4.68 -21.59 1.94
N ILE A 192 5.21 -22.02 3.08
CA ILE A 192 4.42 -22.12 4.27
C ILE A 192 4.71 -20.88 5.08
N ILE A 193 3.69 -20.37 5.74
CA ILE A 193 3.76 -19.04 6.38
C ILE A 193 4.84 -18.96 7.47
N ASP A 194 4.99 -19.98 8.32
CA ASP A 194 6.04 -19.93 9.36
C ASP A 194 7.46 -20.02 8.79
N SER A 195 7.74 -21.01 7.94
CA SER A 195 9.11 -21.10 7.40
C SER A 195 9.41 -20.00 6.41
N PHE A 196 8.37 -19.41 5.82
CA PHE A 196 8.61 -18.31 4.85
C PHE A 196 9.12 -17.06 5.50
N THR A 197 8.85 -16.85 6.79
CA THR A 197 9.43 -15.70 7.48
C THR A 197 10.97 -15.82 7.46
N ILE A 198 11.46 -17.04 7.63
CA ILE A 198 12.89 -17.28 7.63
C ILE A 198 13.43 -16.98 6.23
N LYS A 199 12.83 -17.61 5.20
CA LYS A 199 13.22 -17.33 3.82
C LYS A 199 13.16 -15.83 3.49
N LEU A 200 12.24 -15.11 4.11
CA LEU A 200 12.01 -13.75 3.70
C LEU A 200 13.06 -12.83 4.28
N VAL A 201 13.58 -13.15 5.46
CA VAL A 201 14.68 -12.33 5.96
C VAL A 201 16.06 -12.76 5.42
N ARG A 202 16.31 -14.05 5.25
CA ARG A 202 17.65 -14.54 4.83
C ARG A 202 17.82 -14.34 3.33
N ASN A 203 16.78 -14.70 2.59
CA ASN A 203 16.81 -14.71 1.16
C ASN A 203 15.73 -13.80 0.51
N PRO A 204 15.85 -12.48 0.68
CA PRO A 204 14.71 -11.62 0.32
C PRO A 204 14.21 -11.64 -1.12
N TRP A 205 15.08 -11.79 -2.12
CA TRP A 205 14.75 -11.31 -3.48
C TRP A 205 14.41 -12.39 -4.44
N GLU A 206 14.29 -13.63 -3.98
CA GLU A 206 14.11 -14.76 -4.88
C GLU A 206 12.71 -15.31 -4.89
N HIS A 207 11.71 -14.50 -4.52
CA HIS A 207 10.36 -15.05 -4.29
C HIS A 207 9.29 -14.66 -5.26
N GLY A 208 9.66 -13.83 -6.23
CA GLY A 208 8.73 -13.46 -7.29
C GLY A 208 7.65 -12.54 -6.78
N VAL A 209 6.43 -12.83 -7.21
CA VAL A 209 5.22 -12.18 -6.75
C VAL A 209 4.65 -12.99 -5.62
N ILE A 210 4.84 -12.50 -4.41
CA ILE A 210 4.33 -13.15 -3.22
C ILE A 210 2.83 -12.88 -3.11
N LEU A 211 2.06 -13.90 -2.79
CA LEU A 211 0.63 -13.76 -2.66
C LEU A 211 0.20 -14.48 -1.39
N SER A 212 -0.71 -13.89 -0.63
CA SER A 212 -1.25 -14.57 0.55
C SER A 212 -2.58 -14.03 1.00
N GLU A 213 -3.19 -14.70 1.96
CA GLU A 213 -4.41 -14.19 2.61
C GLU A 213 -4.17 -12.82 3.26
N ASN A 214 -5.26 -12.12 3.52
CA ASN A 214 -5.25 -10.76 4.03
C ASN A 214 -4.33 -10.51 5.21
N LEU A 215 -4.57 -11.18 6.32
CA LEU A 215 -3.74 -11.01 7.50
C LEU A 215 -2.30 -11.49 7.32
N PHE A 216 -2.10 -12.57 6.57
CA PHE A 216 -0.73 -13.06 6.26
C PHE A 216 0.01 -12.04 5.46
N GLY A 217 -0.68 -11.40 4.53
CA GLY A 217 -0.07 -10.34 3.75
C GLY A 217 0.26 -9.16 4.61
N ASP A 218 -0.64 -8.82 5.53
CA ASP A 218 -0.35 -7.75 6.49
C ASP A 218 0.97 -8.00 7.21
N ILE A 219 1.13 -9.24 7.66
CA ILE A 219 2.29 -9.60 8.46
C ILE A 219 3.55 -9.65 7.61
N LEU A 220 3.49 -10.34 6.47
CA LEU A 220 4.68 -10.42 5.63
C LEU A 220 5.19 -9.07 5.13
N SER A 221 4.29 -8.12 4.92
CA SER A 221 4.66 -6.89 4.26
C SER A 221 5.38 -5.94 5.20
N ASP A 222 4.99 -5.96 6.46
CA ASP A 222 5.74 -5.26 7.49
C ASP A 222 7.08 -5.94 7.65
N LEU A 223 7.09 -7.26 7.76
CA LEU A 223 8.37 -7.95 7.90
C LEU A 223 9.33 -7.63 6.76
N ALA A 224 8.82 -7.54 5.53
CA ALA A 224 9.72 -7.37 4.37
C ALA A 224 10.42 -6.02 4.38
N THR A 225 9.92 -5.06 5.17
CA THR A 225 10.54 -3.75 5.29
C THR A 225 11.81 -3.72 6.10
N VAL A 226 12.20 -4.83 6.70
CA VAL A 226 13.55 -4.90 7.25
C VAL A 226 14.59 -4.71 6.13
N HIS A 227 14.25 -5.10 4.90
CA HIS A 227 15.19 -5.00 3.76
C HIS A 227 15.33 -3.63 3.07
N ALA A 228 14.28 -2.83 3.08
CA ALA A 228 14.43 -1.43 2.80
C ALA A 228 14.94 -0.90 4.11
N GLY A 229 15.39 0.33 4.15
CA GLY A 229 15.98 0.80 5.42
C GLY A 229 14.97 1.02 6.54
N SER A 230 13.71 1.15 6.16
CA SER A 230 12.70 1.65 7.04
C SER A 230 11.38 1.46 6.36
N ILE A 231 10.35 1.34 7.17
CA ILE A 231 8.99 1.12 6.72
C ILE A 231 8.51 2.39 6.02
N GLY A 232 9.21 3.49 6.27
CA GLY A 232 8.84 4.77 5.72
C GLY A 232 9.19 5.02 4.26
N ILE A 233 9.94 4.14 3.59
CA ILE A 233 10.16 4.29 2.16
C ILE A 233 9.12 3.54 1.32
N VAL A 234 8.32 2.69 1.98
CA VAL A 234 7.50 1.69 1.27
C VAL A 234 6.07 2.17 0.93
N PRO A 235 5.68 2.12 -0.37
CA PRO A 235 4.34 2.55 -0.83
C PRO A 235 3.36 1.39 -1.02
N SER A 236 2.10 1.73 -1.22
CA SER A 236 1.12 0.72 -1.62
C SER A 236 0.03 1.29 -2.53
N GLY A 237 -0.61 0.40 -3.26
CA GLY A 237 -1.88 0.65 -3.93
C GLY A 237 -2.88 -0.36 -3.41
N ASN A 238 -4.10 0.11 -3.14
CA ASN A 238 -5.26 -0.76 -2.86
C ASN A 238 -6.17 -0.63 -4.07
N TYR A 239 -6.31 -1.70 -4.84
CA TYR A 239 -7.03 -1.62 -6.11
C TYR A 239 -8.35 -2.36 -6.05
N GLY A 240 -9.38 -1.74 -6.62
CA GLY A 240 -10.67 -2.39 -6.88
C GLY A 240 -11.04 -2.22 -8.35
N ASP A 241 -12.16 -2.82 -8.78
CA ASP A 241 -12.57 -2.82 -10.19
C ASP A 241 -12.90 -1.48 -10.81
N GLY A 242 -13.28 -0.48 -10.02
CA GLY A 242 -13.51 0.87 -10.56
C GLY A 242 -12.76 2.04 -9.92
N ILE A 243 -11.89 1.77 -8.92
CA ILE A 243 -11.12 2.83 -8.26
C ILE A 243 -9.92 2.26 -7.46
N ALA A 244 -9.01 3.13 -7.06
CA ALA A 244 -7.88 2.68 -6.28
C ALA A 244 -7.51 3.74 -5.33
N LEU A 245 -6.86 3.32 -4.25
CA LEU A 245 -6.40 4.20 -3.20
C LEU A 245 -4.94 3.95 -2.96
N PHE A 246 -4.19 5.01 -2.68
CA PHE A 246 -2.74 4.85 -2.54
C PHE A 246 -2.31 5.43 -1.23
N GLU A 247 -1.54 4.66 -0.46
CA GLU A 247 -1.11 5.14 0.84
C GLU A 247 0.23 4.57 1.17
N PRO A 248 1.01 5.33 1.92
CA PRO A 248 2.24 4.68 2.39
C PRO A 248 1.88 3.60 3.40
N VAL A 249 2.66 2.53 3.42
CA VAL A 249 2.51 1.46 4.37
C VAL A 249 2.69 1.93 5.83
N HIS A 250 3.60 2.85 6.09
CA HIS A 250 3.74 3.35 7.45
C HIS A 250 2.46 3.90 8.05
N GLY A 251 2.50 4.10 9.36
CA GLY A 251 1.36 4.61 10.11
C GLY A 251 1.55 6.09 10.38
N SER A 252 0.73 6.60 11.31
CA SER A 252 0.59 8.04 11.54
C SER A 252 1.67 8.60 12.46
N ALA A 253 2.51 7.71 12.99
CA ALA A 253 3.65 8.07 13.86
C ALA A 253 3.53 9.39 14.66
N PRO A 254 2.51 9.48 15.56
CA PRO A 254 2.26 10.73 16.30
C PRO A 254 3.43 11.16 17.19
N ASP A 255 4.38 10.25 17.48
CA ASP A 255 5.60 10.63 18.17
C ASP A 255 6.32 11.74 17.45
N ILE A 256 6.63 11.52 16.17
CA ILE A 256 7.33 12.52 15.38
C ILE A 256 6.39 13.47 14.63
N ALA A 257 5.11 13.46 14.98
CA ALA A 257 4.16 14.40 14.43
C ALA A 257 4.65 15.83 14.61
N GLY A 258 4.66 16.58 13.51
CA GLY A 258 5.01 18.01 13.52
C GLY A 258 6.47 18.34 13.80
N LYS A 259 7.33 17.33 13.90
CA LYS A 259 8.74 17.57 14.18
C LYS A 259 9.50 17.85 12.88
N GLY A 260 8.83 17.67 11.75
CA GLY A 260 9.41 17.96 10.46
C GLY A 260 10.47 16.97 10.02
N ILE A 261 10.47 15.77 10.59
CA ILE A 261 11.51 14.77 10.23
C ILE A 261 11.01 13.51 9.52
N ALA A 262 9.70 13.41 9.36
CA ALA A 262 9.06 12.22 8.78
C ALA A 262 9.57 11.93 7.37
N ASN A 263 9.72 10.66 7.06
CA ASN A 263 10.19 10.23 5.73
C ASN A 263 9.01 10.21 4.72
N PRO A 264 9.06 11.07 3.66
CA PRO A 264 7.99 11.22 2.67
C PRO A 264 8.10 10.27 1.49
N ILE A 265 9.07 9.40 1.53
CA ILE A 265 9.33 8.62 0.35
C ILE A 265 8.25 7.58 0.10
N GLY A 266 7.71 7.01 1.17
CA GLY A 266 6.61 6.06 1.07
C GLY A 266 5.40 6.69 0.41
N ALA A 267 5.02 7.88 0.88
CA ALA A 267 3.91 8.62 0.28
C ALA A 267 4.27 8.99 -1.16
N ILE A 268 5.45 9.57 -1.35
CA ILE A 268 5.85 9.94 -2.71
C ILE A 268 5.74 8.78 -3.68
N LEU A 269 6.29 7.64 -3.32
CA LEU A 269 6.29 6.51 -4.23
C LEU A 269 4.93 5.92 -4.38
N SER A 270 4.06 6.24 -3.42
CA SER A 270 2.67 5.83 -3.50
C SER A 270 1.93 6.73 -4.49
N GLY A 271 2.29 8.01 -4.50
CA GLY A 271 1.97 8.93 -5.60
C GLY A 271 2.44 8.39 -6.95
N ALA A 272 3.63 7.79 -7.00
CA ALA A 272 4.03 7.18 -8.29
C ALA A 272 3.05 6.13 -8.74
N MET A 273 2.63 5.25 -7.84
CA MET A 273 1.76 4.13 -8.20
C MET A 273 0.39 4.64 -8.65
N LEU A 274 0.01 5.81 -8.11
CA LEU A 274 -1.23 6.50 -8.48
C LEU A 274 -1.16 7.08 -9.90
N LEU A 275 -0.04 7.70 -10.27
CA LEU A 275 0.16 8.13 -11.65
C LEU A 275 0.10 6.91 -12.56
N ASP A 276 0.77 5.83 -12.20
CA ASP A 276 0.67 4.65 -13.07
C ASP A 276 -0.77 4.27 -13.27
N TYR A 277 -1.53 4.24 -12.18
CA TYR A 277 -2.92 3.75 -12.24
C TYR A 277 -3.79 4.69 -13.13
N LEU A 278 -3.52 5.98 -13.07
CA LEU A 278 -4.16 6.93 -13.99
C LEU A 278 -3.66 6.91 -15.46
N GLY A 279 -2.67 6.11 -15.81
CA GLY A 279 -2.04 6.19 -17.13
C GLY A 279 -1.14 7.41 -17.31
N LEU A 280 -0.67 7.99 -16.22
CA LEU A 280 0.38 8.99 -16.25
C LEU A 280 1.73 8.38 -15.82
N ASP A 281 2.73 9.24 -15.57
CA ASP A 281 4.12 8.75 -15.53
C ASP A 281 4.76 8.63 -14.13
N GLY A 282 4.53 7.47 -13.50
CA GLY A 282 5.10 7.16 -12.20
C GLY A 282 6.58 6.94 -12.28
N SER A 283 7.02 6.30 -13.37
CA SER A 283 8.47 6.12 -13.61
C SER A 283 9.29 7.35 -13.32
N LEU A 284 8.81 8.54 -13.68
CA LEU A 284 9.51 9.79 -13.37
C LEU A 284 9.75 9.99 -11.88
N ILE A 285 8.76 9.66 -11.07
CA ILE A 285 8.86 9.83 -9.62
C ILE A 285 9.84 8.79 -9.08
N ARG A 286 9.71 7.55 -9.54
CA ARG A 286 10.64 6.52 -9.18
C ARG A 286 12.09 6.90 -9.51
N ALA A 287 12.36 7.25 -10.78
CA ALA A 287 13.70 7.63 -11.19
C ALA A 287 14.18 8.81 -10.36
N ALA A 288 13.32 9.80 -10.14
CA ALA A 288 13.70 10.95 -9.35
C ALA A 288 14.13 10.59 -7.93
N VAL A 289 13.53 9.54 -7.39
CA VAL A 289 13.84 9.07 -6.05
C VAL A 289 15.17 8.30 -6.06
N ARG A 290 15.37 7.39 -7.02
CA ARG A 290 16.66 6.65 -7.14
C ARG A 290 17.84 7.61 -7.28
N GLY A 291 17.65 8.68 -8.05
CA GLY A 291 18.68 9.64 -8.27
C GLY A 291 19.01 10.44 -7.02
N TYR A 292 17.98 10.89 -6.30
CA TYR A 292 18.19 11.67 -5.09
C TYR A 292 18.82 10.86 -3.97
N VAL A 293 18.62 9.56 -4.00
CA VAL A 293 19.10 8.65 -2.96
C VAL A 293 20.60 8.45 -3.02
N VAL A 294 21.13 8.41 -4.24
CA VAL A 294 22.54 8.18 -4.49
C VAL A 294 23.41 9.02 -3.56
N ASN A 295 23.16 10.32 -3.52
CA ASN A 295 23.97 11.23 -2.68
C ASN A 295 23.17 12.00 -1.66
N GLY A 296 21.87 12.09 -1.86
CA GLY A 296 21.08 12.92 -0.99
C GLY A 296 21.09 12.36 0.41
N GLU A 297 21.00 13.27 1.37
CA GLU A 297 20.87 12.96 2.80
C GLU A 297 19.45 12.48 3.06
N LEU A 298 19.29 11.49 3.95
CA LEU A 298 17.97 10.97 4.27
C LEU A 298 17.47 11.41 5.64
N THR A 299 16.23 11.04 5.96
CA THR A 299 15.62 11.29 7.26
C THR A 299 16.11 10.36 8.37
N PRO A 300 16.00 10.79 9.63
CA PRO A 300 16.55 10.02 10.74
C PRO A 300 16.17 8.54 10.74
N ASP A 301 14.99 8.20 10.25
CA ASP A 301 14.52 6.82 10.38
C ASP A 301 15.35 5.93 9.50
N MET A 302 16.04 6.54 8.54
CA MET A 302 16.93 5.86 7.62
C MET A 302 18.40 6.07 8.05
N GLY A 303 18.65 7.10 8.88
CA GLY A 303 19.95 7.32 9.51
C GLY A 303 20.64 8.66 9.27
N GLY A 304 20.04 9.54 8.48
CA GLY A 304 20.68 10.80 8.11
C GLY A 304 20.20 11.94 8.97
N ARG A 305 20.79 13.12 8.77
CA ARG A 305 20.38 14.30 9.53
C ARG A 305 19.30 15.11 8.79
N ALA A 306 18.85 14.66 7.62
CA ALA A 306 17.96 15.49 6.76
C ALA A 306 16.51 15.65 7.26
N ARG A 307 15.95 16.85 7.05
CA ARG A 307 14.54 17.14 7.32
C ARG A 307 13.64 16.66 6.17
N THR A 308 12.34 16.51 6.47
CA THR A 308 11.33 16.09 5.48
C THR A 308 11.48 16.98 4.23
N GLU A 309 11.44 18.29 4.44
CA GLU A 309 11.48 19.30 3.39
C GLU A 309 12.70 19.20 2.47
N ASP A 310 13.86 18.80 3.00
CA ASP A 310 15.07 18.63 2.19
C ASP A 310 14.94 17.48 1.21
N VAL A 311 14.25 16.43 1.66
CA VAL A 311 14.01 15.28 0.81
C VAL A 311 13.01 15.66 -0.28
N VAL A 312 11.96 16.36 0.12
CA VAL A 312 10.93 16.75 -0.82
C VAL A 312 11.50 17.71 -1.87
N ARG A 313 12.09 18.81 -1.41
CA ARG A 313 12.77 19.75 -2.32
C ARG A 313 13.78 19.04 -3.21
N GLY A 314 14.57 18.15 -2.64
CA GLY A 314 15.54 17.39 -3.43
C GLY A 314 14.97 16.54 -4.54
N ILE A 315 13.84 15.88 -4.29
CA ILE A 315 13.22 14.98 -5.29
C ILE A 315 12.52 15.77 -6.40
N ILE A 316 11.87 16.86 -6.02
CA ILE A 316 11.27 17.79 -6.97
C ILE A 316 12.37 18.28 -7.91
N GLY A 317 13.45 18.75 -7.30
CA GLY A 317 14.71 18.98 -7.99
C GLY A 317 14.98 17.97 -9.06
N GLU A 318 15.14 16.71 -8.70
CA GLU A 318 15.46 15.70 -9.71
C GLU A 318 14.34 15.56 -10.76
N ILE A 319 13.13 15.96 -10.39
CA ILE A 319 12.00 15.78 -11.29
C ILE A 319 12.03 16.87 -12.35
N GLU A 320 12.04 18.13 -11.89
CA GLU A 320 12.34 19.29 -12.73
C GLU A 320 13.44 19.01 -13.80
N ASP A 321 14.56 18.40 -13.41
CA ASP A 321 15.61 17.99 -14.35
C ASP A 321 15.23 16.75 -15.21
N LEU A 322 13.97 16.37 -15.25
CA LEU A 322 13.55 15.22 -16.08
C LEU A 322 12.48 15.66 -17.04
N LEU A 323 11.61 16.53 -16.54
CA LEU A 323 10.66 17.28 -17.32
C LEU A 323 11.30 18.43 -18.13
N SER A 324 12.53 18.83 -17.79
CA SER A 324 13.35 19.75 -18.62
C SER A 324 13.60 19.22 -20.04
N MET A 325 13.54 17.91 -20.24
CA MET A 325 13.55 17.35 -21.60
C MET A 325 12.23 16.66 -21.97
N ASP A 326 12.15 16.25 -23.23
CA ASP A 326 11.06 15.43 -23.75
C ASP A 326 11.02 13.98 -23.13
N GLU A 327 9.92 13.26 -23.37
CA GLU A 327 9.82 11.86 -22.97
C GLU A 327 11.01 11.11 -23.53
N VAL A 328 11.21 11.21 -24.83
CA VAL A 328 12.51 10.86 -25.42
C VAL A 328 13.56 11.82 -24.82
N TRP A 329 14.71 11.26 -24.43
CA TRP A 329 15.78 11.95 -23.62
C TRP A 329 15.42 11.93 -22.11
C1 IPM B . -1.79 -1.85 7.39
C2 IPM B . -2.36 -1.51 8.78
C3 IPM B . -3.87 -1.83 8.83
C4 IPM B . -4.13 -3.34 8.47
C5 IPM B . -4.41 -1.60 10.26
C6 IPM B . -5.96 -1.87 10.35
C7 IPM B . -4.12 -0.17 10.73
O1 IPM B . -1.71 -2.34 9.83
O2 IPM B . -2.29 -1.26 6.43
O3 IPM B . -1.03 -2.84 7.23
O4 IPM B . -4.10 -4.14 9.43
O5 IPM B . -4.31 -3.68 7.28
MN MN C . -0.06 -3.69 8.82
C1 MPD D . 7.78 6.03 11.87
C2 MPD D . 8.97 6.14 10.94
O2 MPD D . 9.76 7.25 11.39
CM MPD D . 9.81 4.85 11.00
C3 MPD D . 8.52 6.36 9.49
C4 MPD D . 7.90 7.73 9.21
O4 MPD D . 8.89 8.75 9.13
C5 MPD D . 7.13 7.72 7.91
#